data_8G1L
#
_entry.id   8G1L
#
_cell.length_a   35.664
_cell.length_b   68.573
_cell.length_c   109.272
_cell.angle_alpha   90.00
_cell.angle_beta   90.00
_cell.angle_gamma   90.00
#
_symmetry.space_group_name_H-M   'P 21 21 21'
#
loop_
_entity.id
_entity.type
_entity.pdbx_description
1 polymer 'Accumulation associated protein'
2 non-polymer 'CALCIUM ION'
3 non-polymer 'MAGNESIUM ION'
4 non-polymer 'SODIUM ION'
5 non-polymer 2-(2-METHOXYETHOXY)ETHANOL
6 water water
#
_entity_poly.entity_id   1
_entity_poly.type   'polypeptide(L)'
_entity_poly.pdbx_seq_one_letter_code
;PPTTVKGRDNYDFYGRVDIESNPTDLNATNLTRYNYGQPPGTTTAGAVQFKNQVSFDKDFDFNIRVANNRQSNTTGADGW
GFMFSKKDGDDFLKNGGILREKGTPSAAGFRIDTGYYNNDPLDKIQKQAGQGYRGYGTFVKNDSQGNTSKVGSGTPSTDF
LNYADNTTNDLDGKFHGQKLNNVNLKYNASNQTFTATYAGKTWTATLSELGLSPTDSYNFLVTSSQYGNGNSGTYASGVM
RADLDGATLTYT
;
_entity_poly.pdbx_strand_id   A
#
loop_
_chem_comp.id
_chem_comp.type
_chem_comp.name
_chem_comp.formula
CA non-polymer 'CALCIUM ION' 'Ca 2'
MG non-polymer 'MAGNESIUM ION' 'Mg 2'
NA non-polymer 'SODIUM ION' 'Na 1'
PG0 non-polymer 2-(2-METHOXYETHOXY)ETHANOL 'C5 H12 O3'
#
# COMPACT_ATOMS: atom_id res chain seq x y z
N PRO A 1 -24.77 -11.60 -8.17
CA PRO A 1 -24.70 -11.01 -6.82
C PRO A 1 -23.27 -10.93 -6.31
N PRO A 2 -22.94 -9.89 -5.54
CA PRO A 2 -21.56 -9.74 -5.05
C PRO A 2 -21.18 -10.87 -4.10
N THR A 3 -19.88 -10.96 -3.87
CA THR A 3 -19.31 -11.92 -2.93
C THR A 3 -18.36 -11.19 -2.00
N THR A 4 -18.42 -11.50 -0.71
CA THR A 4 -17.49 -10.98 0.29
C THR A 4 -16.63 -12.12 0.80
N VAL A 5 -15.33 -11.91 0.79
CA VAL A 5 -14.35 -12.98 0.96
C VAL A 5 -13.40 -12.62 2.07
N LYS A 6 -13.12 -13.58 2.97
CA LYS A 6 -12.12 -13.45 4.01
C LYS A 6 -11.33 -14.75 4.10
N GLY A 7 -10.00 -14.62 4.11
CA GLY A 7 -9.13 -15.74 4.38
C GLY A 7 -7.84 -15.68 3.58
N ARG A 8 -6.76 -16.13 4.22
CA ARG A 8 -5.45 -16.22 3.56
C ARG A 8 -5.51 -17.02 2.27
N ASP A 9 -6.36 -18.05 2.22
CA ASP A 9 -6.41 -18.93 1.07
C ASP A 9 -6.84 -18.21 -0.20
N ASN A 10 -7.42 -17.02 -0.08
CA ASN A 10 -7.84 -16.25 -1.24
C ASN A 10 -6.72 -15.44 -1.89
N TYR A 11 -5.48 -15.58 -1.42
CA TYR A 11 -4.38 -14.77 -1.89
C TYR A 11 -3.17 -15.62 -2.21
N ASP A 12 -2.52 -15.31 -3.34
CA ASP A 12 -1.21 -15.86 -3.65
C ASP A 12 -0.11 -14.94 -3.13
N PHE A 13 0.98 -15.56 -2.68
CA PHE A 13 2.10 -14.86 -2.08
C PHE A 13 3.27 -14.81 -3.07
N TYR A 14 3.89 -13.63 -3.20
CA TYR A 14 5.01 -13.40 -4.11
C TYR A 14 6.12 -12.66 -3.40
N GLY A 15 7.35 -13.12 -3.54
CA GLY A 15 8.48 -12.36 -3.06
C GLY A 15 8.68 -12.43 -1.56
N ARG A 16 9.18 -11.32 -1.00
CA ARG A 16 9.64 -11.29 0.39
CA ARG A 16 9.63 -11.27 0.39
C ARG A 16 8.45 -10.95 1.30
N VAL A 17 7.59 -11.95 1.45
CA VAL A 17 6.39 -11.88 2.26
C VAL A 17 6.22 -13.24 2.91
N ASP A 18 5.85 -13.25 4.19
CA ASP A 18 5.65 -14.48 4.95
C ASP A 18 4.58 -14.24 5.99
N ILE A 19 4.37 -15.22 6.87
CA ILE A 19 3.44 -15.12 7.98
C ILE A 19 4.22 -15.12 9.27
N GLU A 20 3.95 -14.13 10.14
CA GLU A 20 4.47 -14.04 11.50
CA GLU A 20 4.48 -14.05 11.50
C GLU A 20 3.38 -14.63 12.39
N SER A 21 3.61 -15.86 12.88
CA SER A 21 2.54 -16.57 13.57
C SER A 21 2.17 -15.92 14.90
N ASN A 22 3.15 -15.48 15.67
CA ASN A 22 2.91 -15.05 17.06
C ASN A 22 3.67 -13.78 17.34
N PRO A 23 3.22 -12.65 16.77
CA PRO A 23 3.85 -11.36 17.07
C PRO A 23 3.91 -11.12 18.57
N THR A 24 5.03 -10.57 19.00
CA THR A 24 5.28 -10.25 20.39
C THR A 24 4.84 -8.85 20.76
N ASP A 25 4.61 -8.00 19.78
CA ASP A 25 4.37 -6.59 20.00
C ASP A 25 3.03 -6.10 19.50
N LEU A 26 2.18 -7.02 19.02
CA LEU A 26 0.84 -6.69 18.56
C LEU A 26 -0.13 -7.73 19.07
N ASN A 27 -1.36 -7.31 19.38
CA ASN A 27 -2.45 -8.21 19.75
C ASN A 27 -2.99 -8.80 18.46
N ALA A 28 -2.39 -9.91 18.03
CA ALA A 28 -2.75 -10.53 16.76
C ALA A 28 -2.03 -11.87 16.64
N THR A 29 -2.51 -12.71 15.72
CA THR A 29 -1.77 -13.89 15.30
C THR A 29 -1.77 -13.94 13.77
N ASN A 30 -0.82 -14.68 13.22
CA ASN A 30 -0.77 -14.98 11.80
C ASN A 30 -0.86 -13.73 10.94
N LEU A 31 0.01 -12.76 11.23
CA LEU A 31 0.09 -11.55 10.41
C LEU A 31 0.92 -11.80 9.15
N THR A 32 0.49 -11.20 8.04
CA THR A 32 1.30 -11.19 6.83
C THR A 32 2.38 -10.13 6.98
N ARG A 33 3.62 -10.52 6.69
CA ARG A 33 4.80 -9.74 7.03
C ARG A 33 5.67 -9.58 5.79
N TYR A 34 6.12 -8.36 5.55
CA TYR A 34 6.90 -8.01 4.38
C TYR A 34 8.28 -7.51 4.78
N ASN A 35 9.28 -7.85 3.96
CA ASN A 35 10.65 -7.34 4.01
C ASN A 35 11.50 -7.97 5.10
N TYR A 36 11.01 -9.02 5.75
CA TYR A 36 11.69 -9.62 6.89
C TYR A 36 12.87 -10.48 6.44
N GLY A 37 13.99 -10.33 7.15
CA GLY A 37 15.11 -11.20 6.96
C GLY A 37 15.92 -10.94 5.71
N GLN A 38 15.73 -9.79 5.08
CA GLN A 38 16.49 -9.42 3.90
C GLN A 38 16.76 -7.92 3.94
N PRO A 39 17.98 -7.50 3.63
CA PRO A 39 18.30 -6.07 3.66
C PRO A 39 17.75 -5.36 2.44
N PRO A 40 17.76 -4.02 2.45
CA PRO A 40 17.25 -3.29 1.29
C PRO A 40 17.94 -3.68 -0.01
N GLY A 41 17.16 -3.71 -1.08
CA GLY A 41 17.70 -4.01 -2.39
C GLY A 41 16.59 -4.24 -3.38
N THR A 42 16.99 -4.42 -4.64
CA THR A 42 16.01 -4.47 -5.72
CA THR A 42 16.06 -4.52 -5.75
C THR A 42 15.04 -5.64 -5.56
N THR A 43 15.44 -6.73 -4.91
CA THR A 43 14.54 -7.87 -4.75
C THR A 43 13.79 -7.87 -3.43
N THR A 44 13.98 -6.86 -2.58
CA THR A 44 13.27 -6.80 -1.31
C THR A 44 11.92 -6.15 -1.54
N ALA A 45 10.98 -6.96 -1.99
CA ALA A 45 9.64 -6.54 -2.35
C ALA A 45 8.76 -7.76 -2.24
N GLY A 46 7.49 -7.53 -1.98
CA GLY A 46 6.55 -8.62 -1.75
C GLY A 46 5.15 -8.20 -2.08
N ALA A 47 4.32 -9.18 -2.45
CA ALA A 47 2.93 -8.91 -2.76
C ALA A 47 2.08 -10.11 -2.38
N VAL A 48 0.86 -9.82 -1.96
CA VAL A 48 -0.21 -10.82 -1.96
C VAL A 48 -1.23 -10.38 -3.01
N GLN A 49 -1.70 -11.34 -3.80
CA GLN A 49 -2.59 -11.07 -4.91
C GLN A 49 -3.90 -11.81 -4.70
N PHE A 50 -5.02 -11.10 -4.72
CA PHE A 50 -6.31 -11.75 -4.64
C PHE A 50 -6.46 -12.67 -5.85
N LYS A 51 -6.95 -13.89 -5.62
CA LYS A 51 -6.93 -14.93 -6.65
C LYS A 51 -7.97 -14.74 -7.75
N ASN A 52 -8.95 -13.87 -7.57
CA ASN A 52 -9.96 -13.61 -8.57
C ASN A 52 -9.84 -12.18 -9.06
N GLN A 53 -10.21 -11.96 -10.31
CA GLN A 53 -10.10 -10.64 -10.91
C GLN A 53 -11.36 -9.82 -10.67
N VAL A 54 -11.19 -8.50 -10.74
CA VAL A 54 -12.27 -7.54 -10.50
C VAL A 54 -12.36 -6.62 -11.72
N SER A 55 -13.51 -5.95 -11.85
CA SER A 55 -13.70 -4.97 -12.91
C SER A 55 -14.52 -3.81 -12.39
N PHE A 56 -14.38 -2.66 -13.04
CA PHE A 56 -14.89 -1.40 -12.51
C PHE A 56 -16.24 -1.03 -13.07
N ASP A 57 -16.98 -2.01 -13.58
CA ASP A 57 -18.41 -1.90 -13.76
C ASP A 57 -19.18 -2.34 -12.52
N LYS A 58 -18.49 -2.81 -11.48
CA LYS A 58 -19.11 -3.26 -10.24
C LYS A 58 -18.38 -2.63 -9.07
N ASP A 59 -19.05 -2.58 -7.93
CA ASP A 59 -18.41 -2.07 -6.72
C ASP A 59 -17.26 -3.00 -6.30
N PHE A 60 -16.33 -2.41 -5.55
CA PHE A 60 -15.20 -3.11 -4.94
C PHE A 60 -15.01 -2.51 -3.55
N ASP A 61 -14.77 -3.33 -2.54
CA ASP A 61 -14.52 -2.79 -1.20
CA ASP A 61 -14.53 -2.80 -1.20
C ASP A 61 -13.52 -3.70 -0.51
N PHE A 62 -12.41 -3.13 -0.06
CA PHE A 62 -11.35 -3.86 0.60
C PHE A 62 -11.03 -3.18 1.93
N ASN A 63 -10.92 -3.98 2.98
CA ASN A 63 -10.52 -3.48 4.29
CA ASN A 63 -10.54 -3.48 4.30
C ASN A 63 -9.45 -4.38 4.86
N ILE A 64 -8.34 -3.77 5.30
CA ILE A 64 -7.27 -4.53 5.95
C ILE A 64 -6.61 -3.66 6.99
N ARG A 65 -6.25 -4.25 8.12
CA ARG A 65 -5.45 -3.54 9.10
C ARG A 65 -3.96 -3.71 8.78
N VAL A 66 -3.23 -2.60 8.83
CA VAL A 66 -1.79 -2.59 8.63
C VAL A 66 -1.11 -1.96 9.84
N ALA A 67 0.13 -2.40 10.10
CA ALA A 67 0.98 -1.87 11.16
C ALA A 67 2.33 -1.54 10.53
N ASN A 68 2.74 -0.29 10.60
CA ASN A 68 3.97 0.15 9.97
C ASN A 68 5.16 -0.08 10.88
N ASN A 69 6.34 -0.24 10.27
CA ASN A 69 7.56 -0.26 11.06
CA ASN A 69 7.55 -0.27 11.07
C ASN A 69 7.70 1.04 11.84
N ARG A 70 8.12 0.92 13.11
CA ARG A 70 8.43 2.10 13.93
C ARG A 70 9.90 2.44 13.71
N GLN A 71 10.20 2.81 12.47
CA GLN A 71 11.54 3.05 11.94
C GLN A 71 11.46 4.30 11.08
N SER A 72 12.50 5.14 11.15
CA SER A 72 12.54 6.37 10.40
C SER A 72 12.50 6.10 8.89
N ASN A 73 12.22 7.16 8.13
CA ASN A 73 11.96 6.97 6.70
C ASN A 73 13.24 6.75 5.89
N THR A 74 14.40 6.82 6.53
CA THR A 74 15.67 6.50 5.92
C THR A 74 16.18 5.12 6.30
N THR A 75 15.46 4.41 7.19
CA THR A 75 15.87 3.07 7.63
C THR A 75 14.83 2.00 7.38
N GLY A 76 13.54 2.35 7.33
CA GLY A 76 12.48 1.38 7.21
C GLY A 76 12.05 1.12 5.78
N ALA A 77 10.86 0.55 5.65
CA ALA A 77 10.33 0.14 4.37
C ALA A 77 9.82 1.35 3.55
N ASP A 78 9.52 1.06 2.28
CA ASP A 78 9.07 2.09 1.35
C ASP A 78 7.62 2.49 1.59
N GLY A 79 6.80 1.57 2.09
CA GLY A 79 5.39 1.81 2.38
C GLY A 79 4.52 0.67 1.95
N TRP A 80 3.25 1.00 1.66
CA TRP A 80 2.24 0.07 1.19
C TRP A 80 1.74 0.57 -0.17
N GLY A 81 1.54 -0.36 -1.11
CA GLY A 81 0.89 -0.05 -2.36
C GLY A 81 -0.28 -0.99 -2.59
N PHE A 82 -1.51 -0.46 -2.56
CA PHE A 82 -2.73 -1.22 -2.82
C PHE A 82 -3.01 -0.98 -4.29
N MET A 83 -2.68 -1.96 -5.12
N MET A 83 -2.65 -1.94 -5.12
CA MET A 83 -2.45 -1.75 -6.54
CA MET A 83 -2.47 -1.71 -6.55
C MET A 83 -3.34 -2.62 -7.41
C MET A 83 -3.36 -2.61 -7.39
N PHE A 84 -3.95 -2.00 -8.42
CA PHE A 84 -4.62 -2.73 -9.49
C PHE A 84 -3.68 -2.84 -10.69
N SER A 85 -3.60 -4.04 -11.25
CA SER A 85 -2.72 -4.33 -12.37
C SER A 85 -3.35 -5.41 -13.22
N LYS A 86 -3.17 -5.33 -14.55
CA LYS A 86 -3.59 -6.44 -15.40
C LYS A 86 -2.61 -7.61 -15.36
N LYS A 87 -1.47 -7.43 -14.70
CA LYS A 87 -0.43 -8.44 -14.58
C LYS A 87 -0.32 -8.88 -13.12
N ASP A 88 0.54 -9.86 -12.87
CA ASP A 88 0.54 -10.59 -11.62
C ASP A 88 1.66 -10.16 -10.69
N GLY A 89 1.81 -10.90 -9.59
CA GLY A 89 2.81 -10.54 -8.60
C GLY A 89 4.22 -10.70 -9.10
N ASP A 90 4.47 -11.65 -10.01
CA ASP A 90 5.81 -11.78 -10.58
C ASP A 90 6.14 -10.59 -11.46
N ASP A 91 5.15 -10.04 -12.15
CA ASP A 91 5.37 -8.81 -12.90
C ASP A 91 5.70 -7.66 -11.95
N PHE A 92 5.03 -7.59 -10.80
CA PHE A 92 5.37 -6.58 -9.81
C PHE A 92 6.82 -6.75 -9.31
N LEU A 93 7.26 -7.98 -9.05
CA LEU A 93 8.63 -8.19 -8.60
C LEU A 93 9.63 -7.76 -9.67
N LYS A 94 9.31 -8.00 -10.95
CA LYS A 94 10.22 -7.68 -12.04
C LYS A 94 10.24 -6.18 -12.34
N ASN A 95 9.07 -5.54 -12.32
CA ASN A 95 8.91 -4.20 -12.87
C ASN A 95 8.53 -3.12 -11.88
N GLY A 96 8.27 -3.46 -10.64
CA GLY A 96 7.97 -2.49 -9.62
C GLY A 96 6.49 -2.18 -9.51
N GLY A 97 6.17 -1.37 -8.50
CA GLY A 97 4.82 -1.03 -8.16
C GLY A 97 4.54 0.45 -8.15
N ILE A 98 3.90 0.92 -7.08
CA ILE A 98 3.39 2.27 -6.98
C ILE A 98 3.98 3.05 -5.80
N LEU A 99 5.15 2.62 -5.31
CA LEU A 99 5.80 3.21 -4.15
C LEU A 99 7.04 4.03 -4.50
N ARG A 100 7.37 4.16 -5.79
CA ARG A 100 8.58 4.83 -6.25
C ARG A 100 8.21 5.80 -7.36
N GLU A 101 9.18 6.10 -8.23
CA GLU A 101 9.00 7.02 -9.35
C GLU A 101 8.56 6.30 -10.61
N LYS A 102 8.73 4.98 -10.67
CA LYS A 102 8.45 4.18 -11.86
C LYS A 102 8.17 2.75 -11.40
N GLY A 103 7.19 2.11 -12.03
CA GLY A 103 6.87 0.74 -11.76
C GLY A 103 6.18 0.12 -12.95
N THR A 104 5.40 -0.92 -12.72
CA THR A 104 4.82 -1.64 -13.84
C THR A 104 3.84 -0.74 -14.58
N PRO A 105 3.84 -0.75 -15.91
CA PRO A 105 3.02 0.20 -16.65
C PRO A 105 1.52 -0.01 -16.43
N SER A 106 0.80 1.10 -16.43
N SER A 106 0.79 1.10 -16.46
CA SER A 106 -0.67 1.17 -16.46
CA SER A 106 -0.66 1.06 -16.48
C SER A 106 -1.33 0.83 -15.12
C SER A 106 -1.24 0.32 -15.28
N ALA A 107 -0.56 0.43 -14.13
CA ALA A 107 -1.15 0.10 -12.83
C ALA A 107 -1.54 1.38 -12.08
N ALA A 108 -2.38 1.25 -11.07
CA ALA A 108 -2.77 2.40 -10.28
C ALA A 108 -3.30 1.94 -8.94
N GLY A 109 -3.31 2.84 -7.97
CA GLY A 109 -3.90 2.49 -6.69
C GLY A 109 -3.53 3.47 -5.61
N PHE A 110 -3.61 3.00 -4.37
CA PHE A 110 -3.41 3.83 -3.20
C PHE A 110 -2.06 3.55 -2.57
N ARG A 111 -1.32 4.63 -2.31
CA ARG A 111 0.05 4.61 -1.81
C ARG A 111 0.08 5.18 -0.39
N ILE A 112 0.54 4.37 0.57
CA ILE A 112 0.89 4.84 1.91
C ILE A 112 2.41 4.85 1.95
N ASP A 113 3.01 6.02 1.84
CA ASP A 113 4.44 6.16 1.62
C ASP A 113 5.14 6.39 2.95
N THR A 114 6.02 5.46 3.33
CA THR A 114 6.74 5.52 4.60
C THR A 114 8.25 5.60 4.46
N GLY A 115 8.78 5.63 3.23
CA GLY A 115 10.22 5.56 3.00
C GLY A 115 10.69 6.61 2.02
N TYR A 116 11.77 7.33 2.37
CA TYR A 116 12.30 8.38 1.53
C TYR A 116 13.25 7.81 0.47
N TYR A 117 13.09 8.27 -0.77
CA TYR A 117 13.99 7.92 -1.86
C TYR A 117 14.47 9.20 -2.51
N ASN A 118 15.78 9.38 -2.59
CA ASN A 118 16.34 10.65 -3.02
C ASN A 118 16.05 10.96 -4.50
N ASN A 119 15.69 9.96 -5.30
CA ASN A 119 15.42 10.19 -6.72
C ASN A 119 13.93 10.13 -7.04
N ASP A 120 13.06 10.28 -6.04
CA ASP A 120 11.63 10.26 -6.27
C ASP A 120 11.08 11.67 -6.24
N PRO A 121 10.65 12.22 -7.38
CA PRO A 121 10.15 13.61 -7.37
C PRO A 121 8.95 13.81 -6.48
N LEU A 122 8.11 12.79 -6.30
CA LEU A 122 6.94 12.94 -5.43
C LEU A 122 7.37 13.06 -3.97
N ASP A 123 8.39 12.32 -3.55
CA ASP A 123 8.88 12.47 -2.18
C ASP A 123 9.34 13.90 -1.92
N LYS A 124 9.90 14.57 -2.93
CA LYS A 124 10.32 15.96 -2.79
C LYS A 124 9.11 16.88 -2.68
N ILE A 125 8.11 16.69 -3.56
CA ILE A 125 6.88 17.48 -3.49
C ILE A 125 6.21 17.36 -2.13
N GLN A 126 6.18 16.15 -1.57
CA GLN A 126 5.45 15.86 -0.35
C GLN A 126 6.24 16.20 0.91
N LYS A 127 7.46 16.73 0.75
CA LYS A 127 8.29 17.13 1.88
C LYS A 127 8.61 15.95 2.80
N GLN A 128 8.86 14.80 2.19
CA GLN A 128 9.07 13.59 2.99
C GLN A 128 10.39 13.62 3.76
N ALA A 129 11.43 14.25 3.20
CA ALA A 129 12.72 14.22 3.88
C ALA A 129 12.59 14.84 5.27
N GLY A 130 13.20 14.18 6.25
CA GLY A 130 13.25 14.73 7.59
C GLY A 130 13.07 13.73 8.70
N GLN A 131 13.16 14.24 9.93
CA GLN A 131 13.22 13.45 11.14
C GLN A 131 11.84 12.96 11.54
N GLY A 132 11.83 11.98 12.43
CA GLY A 132 10.59 11.38 12.89
C GLY A 132 10.16 10.25 11.98
N TYR A 133 8.89 10.25 11.61
CA TYR A 133 8.28 9.20 10.83
C TYR A 133 7.43 9.86 9.75
N ARG A 134 8.11 10.52 8.81
CA ARG A 134 7.46 11.36 7.82
C ARG A 134 7.04 10.57 6.59
N GLY A 135 5.75 10.64 6.26
CA GLY A 135 5.26 10.00 5.07
C GLY A 135 4.03 10.72 4.55
N TYR A 136 3.26 10.02 3.71
CA TYR A 136 2.11 10.62 3.07
C TYR A 136 1.25 9.53 2.48
N GLY A 137 -0.03 9.85 2.28
CA GLY A 137 -0.91 9.02 1.49
C GLY A 137 -1.34 9.75 0.22
N THR A 138 -1.65 8.98 -0.81
CA THR A 138 -2.20 9.55 -2.04
C THR A 138 -2.55 8.42 -3.00
N PHE A 139 -3.54 8.67 -3.86
CA PHE A 139 -3.65 7.84 -5.05
C PHE A 139 -2.53 8.19 -6.03
N VAL A 140 -2.11 7.20 -6.81
CA VAL A 140 -1.15 7.37 -7.88
C VAL A 140 -1.55 6.49 -9.05
N LYS A 141 -0.99 6.81 -10.21
CA LYS A 141 -1.06 5.91 -11.35
C LYS A 141 0.33 5.80 -11.98
N ASN A 142 0.57 4.68 -12.63
CA ASN A 142 1.70 4.51 -13.53
C ASN A 142 1.18 4.62 -14.96
N ASP A 143 1.84 5.46 -15.77
CA ASP A 143 1.46 5.64 -17.16
C ASP A 143 1.89 4.42 -17.98
N SER A 144 1.64 4.48 -19.29
CA SER A 144 1.93 3.34 -20.14
C SER A 144 3.42 3.07 -20.26
N GLN A 145 4.28 3.98 -19.82
CA GLN A 145 5.71 3.71 -19.77
C GLN A 145 6.19 3.38 -18.36
N GLY A 146 5.28 3.34 -17.38
CA GLY A 146 5.64 2.98 -16.02
C GLY A 146 5.84 4.14 -15.07
N ASN A 147 5.82 5.38 -15.57
CA ASN A 147 6.13 6.52 -14.72
C ASN A 147 4.99 6.80 -13.76
N THR A 148 5.31 6.97 -12.48
CA THR A 148 4.32 7.17 -11.44
C THR A 148 4.01 8.65 -11.28
N SER A 149 2.74 8.97 -11.06
CA SER A 149 2.34 10.34 -10.75
C SER A 149 1.20 10.32 -9.74
N LYS A 150 1.14 11.38 -8.92
CA LYS A 150 -0.01 11.60 -8.07
C LYS A 150 -1.25 11.90 -8.92
N VAL A 151 -2.38 11.30 -8.55
CA VAL A 151 -3.68 11.62 -9.13
C VAL A 151 -4.68 11.78 -7.99
N GLY A 152 -5.81 12.38 -8.30
CA GLY A 152 -6.86 12.53 -7.31
C GLY A 152 -6.59 13.63 -6.29
N SER A 153 -7.32 13.54 -5.18
CA SER A 153 -7.38 14.61 -4.21
C SER A 153 -6.11 14.74 -3.38
N GLY A 154 -5.95 15.92 -2.80
CA GLY A 154 -4.93 16.18 -1.81
C GLY A 154 -3.88 17.20 -2.22
N THR A 155 -3.23 17.79 -1.22
CA THR A 155 -2.11 18.70 -1.39
C THR A 155 -0.99 18.18 -0.51
N PRO A 156 0.22 18.73 -0.62
CA PRO A 156 1.28 18.24 0.28
C PRO A 156 0.90 18.35 1.74
N SER A 157 0.20 19.43 2.10
CA SER A 157 -0.21 19.63 3.49
C SER A 157 -1.21 18.57 3.95
N THR A 158 -2.22 18.28 3.12
CA THR A 158 -3.26 17.35 3.56
C THR A 158 -2.86 15.89 3.36
N ASP A 159 -1.94 15.60 2.45
CA ASP A 159 -1.50 14.23 2.23
C ASP A 159 -0.56 13.74 3.33
N PHE A 160 0.10 14.67 4.03
CA PHE A 160 1.15 14.32 4.98
C PHE A 160 0.61 13.45 6.09
N LEU A 161 1.40 12.46 6.50
CA LEU A 161 1.04 11.71 7.71
C LEU A 161 2.31 11.30 8.44
N ASN A 162 2.20 11.25 9.76
CA ASN A 162 3.20 10.62 10.61
C ASN A 162 2.82 9.15 10.69
N TYR A 163 3.62 8.29 10.05
CA TYR A 163 3.21 6.89 9.88
C TYR A 163 3.50 6.02 11.09
N ALA A 164 4.20 6.55 12.09
CA ALA A 164 4.41 5.88 13.36
C ALA A 164 4.72 6.99 14.37
N ASP A 165 4.77 6.61 15.64
CA ASP A 165 5.22 7.51 16.70
C ASP A 165 5.91 6.67 17.77
N ASN A 166 6.41 7.33 18.80
CA ASN A 166 7.18 6.67 19.84
C ASN A 166 6.36 6.33 21.07
N THR A 167 5.05 6.53 21.01
CA THR A 167 4.18 6.27 22.13
C THR A 167 3.74 4.80 22.17
N THR A 168 3.16 4.39 23.29
CA THR A 168 2.53 3.09 23.36
C THR A 168 1.06 3.09 23.79
N ASN A 169 0.55 4.20 24.29
CA ASN A 169 -0.76 4.18 24.93
C ASN A 169 -1.88 3.85 23.94
N ASP A 170 -2.88 3.12 24.44
CA ASP A 170 -4.04 2.68 23.68
C ASP A 170 -5.31 3.35 24.16
N LEU A 171 -5.19 4.52 24.78
CA LEU A 171 -6.29 5.15 25.48
C LEU A 171 -6.60 6.57 25.05
N ASP A 172 -5.81 7.15 24.15
CA ASP A 172 -5.87 8.58 23.87
C ASP A 172 -6.77 8.95 22.70
N GLY A 173 -7.40 7.98 22.06
CA GLY A 173 -8.27 8.28 20.94
C GLY A 173 -7.56 8.68 19.67
N LYS A 174 -6.25 8.49 19.59
CA LYS A 174 -5.45 8.96 18.47
C LYS A 174 -4.96 7.78 17.62
N PHE A 175 -4.60 8.11 16.38
CA PHE A 175 -3.93 7.19 15.47
C PHE A 175 -2.47 7.02 15.83
N HIS A 176 -2.01 5.78 15.83
CA HIS A 176 -0.61 5.42 16.09
C HIS A 176 -0.24 4.38 15.04
N GLY A 177 0.53 4.78 14.02
CA GLY A 177 0.70 3.96 12.84
C GLY A 177 1.46 2.66 13.01
N GLN A 178 2.22 2.53 14.11
CA GLN A 178 2.91 1.28 14.43
C GLN A 178 1.96 0.21 14.95
N LYS A 179 0.73 0.57 15.32
CA LYS A 179 -0.30 -0.37 15.71
C LYS A 179 -1.09 -0.80 14.48
N LEU A 180 -1.96 -1.80 14.63
CA LEU A 180 -2.82 -2.23 13.52
C LEU A 180 -3.97 -1.24 13.36
N ASN A 181 -4.09 -0.69 12.15
CA ASN A 181 -5.08 0.33 11.82
C ASN A 181 -5.70 0.01 10.46
N ASN A 182 -7.01 0.21 10.34
CA ASN A 182 -7.74 -0.13 9.12
CA ASN A 182 -7.66 -0.16 9.10
C ASN A 182 -7.37 0.80 7.96
N VAL A 183 -7.11 0.20 6.81
CA VAL A 183 -7.10 0.85 5.51
C VAL A 183 -8.33 0.37 4.77
N ASN A 184 -9.14 1.30 4.27
CA ASN A 184 -10.30 0.94 3.46
CA ASN A 184 -10.31 0.96 3.46
C ASN A 184 -10.10 1.53 2.08
N LEU A 185 -10.18 0.68 1.06
CA LEU A 185 -10.10 1.09 -0.34
C LEU A 185 -11.39 0.64 -0.99
N LYS A 186 -12.18 1.61 -1.46
CA LYS A 186 -13.52 1.38 -1.99
CA LYS A 186 -13.52 1.39 -1.98
C LYS A 186 -13.60 1.93 -3.40
N TYR A 187 -14.30 1.21 -4.27
CA TYR A 187 -14.70 1.72 -5.58
C TYR A 187 -16.22 1.69 -5.63
N ASN A 188 -16.82 2.84 -5.89
CA ASN A 188 -18.25 2.99 -6.05
C ASN A 188 -18.54 3.09 -7.54
N ALA A 189 -19.12 2.03 -8.10
CA ALA A 189 -19.37 2.02 -9.53
C ALA A 189 -20.41 3.07 -9.93
N SER A 190 -21.34 3.40 -9.03
CA SER A 190 -22.39 4.34 -9.39
C SER A 190 -21.84 5.72 -9.72
N ASN A 191 -20.82 6.18 -8.99
CA ASN A 191 -20.22 7.48 -9.27
CA ASN A 191 -20.22 7.48 -9.28
C ASN A 191 -18.77 7.36 -9.73
N GLN A 192 -18.35 6.16 -10.12
CA GLN A 192 -17.04 5.91 -10.72
C GLN A 192 -15.91 6.55 -9.93
N THR A 193 -15.95 6.35 -8.61
CA THR A 193 -15.01 6.99 -7.71
C THR A 193 -14.40 5.99 -6.74
N PHE A 194 -13.07 6.08 -6.60
CA PHE A 194 -12.31 5.36 -5.60
C PHE A 194 -12.15 6.26 -4.37
N THR A 195 -12.32 5.67 -3.20
CA THR A 195 -12.10 6.35 -1.92
CA THR A 195 -12.01 6.38 -1.97
C THR A 195 -11.13 5.49 -1.10
N ALA A 196 -10.16 6.12 -0.46
CA ALA A 196 -9.28 5.46 0.47
C ALA A 196 -9.35 6.18 1.80
N THR A 197 -9.45 5.41 2.88
CA THR A 197 -9.38 5.99 4.21
C THR A 197 -8.28 5.29 5.01
N TYR A 198 -7.58 6.10 5.79
CA TYR A 198 -6.51 5.63 6.66
C TYR A 198 -6.16 6.76 7.61
N ALA A 199 -5.94 6.43 8.88
CA ALA A 199 -5.42 7.40 9.85
C ALA A 199 -6.39 8.57 10.06
N GLY A 200 -7.67 8.32 9.86
CA GLY A 200 -8.67 9.37 9.98
C GLY A 200 -8.76 10.31 8.80
N LYS A 201 -8.02 10.04 7.73
CA LYS A 201 -7.93 10.85 6.54
C LYS A 201 -8.60 10.14 5.37
N THR A 202 -9.01 10.93 4.38
CA THR A 202 -9.69 10.43 3.20
C THR A 202 -9.05 10.98 1.93
N TRP A 203 -8.99 10.14 0.91
CA TRP A 203 -8.57 10.52 -0.42
C TRP A 203 -9.59 9.99 -1.41
N THR A 204 -9.74 10.71 -2.53
CA THR A 204 -10.73 10.45 -3.56
CA THR A 204 -10.68 10.32 -3.56
C THR A 204 -10.07 10.56 -4.94
N ALA A 205 -10.38 9.63 -5.86
CA ALA A 205 -9.94 9.73 -7.23
C ALA A 205 -10.97 9.07 -8.13
N THR A 206 -11.20 9.66 -9.30
CA THR A 206 -12.12 9.02 -10.23
C THR A 206 -11.44 7.89 -11.00
N LEU A 207 -12.27 7.03 -11.59
CA LEU A 207 -11.76 6.01 -12.50
C LEU A 207 -10.92 6.64 -13.60
N SER A 208 -11.42 7.73 -14.18
CA SER A 208 -10.67 8.44 -15.22
CA SER A 208 -10.67 8.44 -15.22
C SER A 208 -9.30 8.87 -14.72
N GLU A 209 -9.23 9.41 -13.51
CA GLU A 209 -7.96 9.88 -12.97
C GLU A 209 -6.97 8.75 -12.76
N LEU A 210 -7.45 7.57 -12.35
CA LEU A 210 -6.54 6.43 -12.19
CA LEU A 210 -6.54 6.43 -12.19
C LEU A 210 -6.12 5.84 -13.53
N GLY A 211 -6.82 6.17 -14.61
CA GLY A 211 -6.45 5.70 -15.93
C GLY A 211 -6.86 4.29 -16.24
N LEU A 212 -7.66 3.67 -15.38
CA LEU A 212 -7.98 2.26 -15.53
C LEU A 212 -9.20 2.07 -16.43
N SER A 213 -9.26 0.89 -17.03
CA SER A 213 -10.35 0.58 -17.94
C SER A 213 -11.65 0.44 -17.16
N PRO A 214 -12.78 0.91 -17.71
CA PRO A 214 -14.06 0.71 -17.02
C PRO A 214 -14.57 -0.72 -17.07
N THR A 215 -14.03 -1.59 -17.93
CA THR A 215 -14.56 -2.93 -18.07
C THR A 215 -13.51 -4.05 -18.05
N ASP A 216 -12.26 -3.78 -18.37
CA ASP A 216 -11.27 -4.85 -18.40
C ASP A 216 -11.07 -5.44 -17.00
N SER A 217 -10.63 -6.69 -16.95
CA SER A 217 -10.38 -7.37 -15.69
C SER A 217 -9.03 -6.99 -15.11
N TYR A 218 -8.99 -6.81 -13.79
CA TYR A 218 -7.78 -6.41 -13.09
C TYR A 218 -7.51 -7.37 -11.94
N ASN A 219 -6.23 -7.53 -11.63
CA ASN A 219 -5.80 -8.11 -10.38
C ASN A 219 -5.64 -7.03 -9.33
N PHE A 220 -5.84 -7.41 -8.06
CA PHE A 220 -5.62 -6.55 -6.91
C PHE A 220 -4.51 -7.14 -6.06
N LEU A 221 -3.51 -6.31 -5.75
CA LEU A 221 -2.34 -6.72 -5.00
C LEU A 221 -2.11 -5.79 -3.82
N VAL A 222 -1.72 -6.36 -2.69
CA VAL A 222 -1.24 -5.60 -1.54
C VAL A 222 0.27 -5.77 -1.50
N THR A 223 1.00 -4.68 -1.73
CA THR A 223 2.44 -4.71 -1.92
C THR A 223 3.16 -3.89 -0.85
N SER A 224 4.41 -4.27 -0.62
CA SER A 224 5.37 -3.48 0.14
C SER A 224 6.74 -3.77 -0.44
N SER A 225 7.72 -2.95 -0.04
CA SER A 225 9.07 -3.10 -0.53
C SER A 225 10.01 -2.34 0.40
N GLN A 226 11.30 -2.61 0.21
CA GLN A 226 12.39 -1.91 0.86
C GLN A 226 13.54 -1.93 -0.15
N TYR A 227 13.44 -1.10 -1.19
CA TYR A 227 14.35 -1.21 -2.31
C TYR A 227 15.73 -0.61 -2.04
N GLY A 228 15.84 0.25 -1.04
CA GLY A 228 17.09 0.89 -0.70
C GLY A 228 17.19 2.30 -1.25
N ASN A 229 17.96 3.14 -0.54
CA ASN A 229 18.26 4.52 -0.92
C ASN A 229 19.76 4.76 -0.73
N GLY A 230 20.56 4.44 -1.74
CA GLY A 230 22.00 4.63 -1.62
C GLY A 230 22.73 3.48 -0.95
N ASN A 231 24.03 3.65 -0.74
N ASN A 231 24.02 3.73 -0.69
CA ASN A 231 24.85 2.56 -0.23
CA ASN A 231 24.99 2.68 -0.34
C ASN A 231 25.65 2.97 1.01
C ASN A 231 25.58 2.85 1.06
N SER A 232 25.02 3.72 1.91
CA SER A 232 25.63 3.99 3.20
C SER A 232 25.57 2.80 4.16
N GLY A 233 24.69 1.86 3.90
CA GLY A 233 24.47 0.77 4.81
C GLY A 233 23.59 1.11 5.98
N THR A 234 22.89 2.25 5.93
CA THR A 234 22.01 2.68 6.99
C THR A 234 20.63 2.10 6.77
N TYR A 235 20.23 1.16 7.62
CA TYR A 235 18.90 0.60 7.51
C TYR A 235 18.54 -0.18 8.75
N ALA A 236 17.24 -0.47 8.86
CA ALA A 236 16.65 -1.32 9.88
C ALA A 236 15.86 -2.43 9.17
N SER A 237 15.05 -3.17 9.94
CA SER A 237 14.45 -4.39 9.41
C SER A 237 13.47 -4.13 8.29
N GLY A 238 12.79 -2.98 8.28
CA GLY A 238 11.77 -2.69 7.30
C GLY A 238 10.52 -3.53 7.41
N VAL A 239 10.28 -4.14 8.57
CA VAL A 239 9.19 -5.09 8.69
C VAL A 239 7.85 -4.37 8.73
N MET A 240 6.98 -4.69 7.77
CA MET A 240 5.65 -4.13 7.59
C MET A 240 4.66 -5.28 7.70
N ARG A 241 3.57 -5.10 8.44
CA ARG A 241 2.66 -6.21 8.73
C ARG A 241 1.22 -5.83 8.46
N ALA A 242 0.47 -6.81 7.98
CA ALA A 242 -0.94 -6.61 7.66
C ALA A 242 -1.73 -7.82 8.12
N ASP A 243 -2.93 -7.59 8.64
CA ASP A 243 -3.80 -8.70 9.03
C ASP A 243 -4.59 -9.19 7.82
N LEU A 244 -3.89 -9.88 6.93
CA LEU A 244 -4.54 -10.40 5.73
C LEU A 244 -5.60 -11.43 6.07
N ASP A 245 -5.35 -12.27 7.09
CA ASP A 245 -6.32 -13.28 7.48
C ASP A 245 -7.65 -12.65 7.89
N GLY A 246 -7.60 -11.44 8.47
CA GLY A 246 -8.78 -10.71 8.88
C GLY A 246 -9.33 -9.70 7.90
N ALA A 247 -8.68 -9.56 6.74
CA ALA A 247 -9.15 -8.60 5.75
C ALA A 247 -10.48 -9.06 5.15
N THR A 248 -11.23 -8.10 4.61
CA THR A 248 -12.44 -8.41 3.85
C THR A 248 -12.33 -7.80 2.46
N LEU A 249 -12.85 -8.52 1.47
CA LEU A 249 -12.87 -8.03 0.09
C LEU A 249 -14.22 -8.36 -0.51
N THR A 250 -14.93 -7.34 -0.94
CA THR A 250 -16.22 -7.50 -1.62
C THR A 250 -16.06 -7.14 -3.09
N TYR A 251 -16.52 -8.04 -3.96
CA TYR A 251 -16.43 -7.85 -5.41
C TYR A 251 -17.54 -8.67 -6.05
N THR A 252 -17.61 -8.63 -7.39
CA THR A 252 -18.59 -9.46 -8.10
C THR A 252 -17.88 -10.39 -9.09
CA CA B . 8.75 7.65 -0.71
MG MG C . -14.62 8.47 -14.16
MG MG D . -1.03 1.60 10.78
MG MG E . 0.51 4.35 21.15
NA NA F . 14.37 -5.80 5.45
NA NA G . 2.74 6.52 25.55
C5 PG0 H . 3.80 18.96 8.80
O2 PG0 H . 4.43 18.65 7.59
C4 PG0 H . 3.71 19.09 6.49
C3 PG0 H . 4.51 18.82 5.21
O1 PG0 H . 3.87 19.47 4.14
C2 PG0 H . 4.07 20.85 4.14
C1 PG0 H . 3.57 21.49 2.85
OTT PG0 H . 3.66 22.87 3.03
H51 PG0 H . 3.78 19.92 8.92
H52 PG0 H . 2.89 18.61 8.79
H41 PG0 H . 3.55 20.04 6.56
H42 PG0 H . 2.86 18.62 6.44
H31 PG0 H . 4.53 17.86 5.03
H32 PG0 H . 5.41 19.16 5.31
H21 PG0 H . 5.03 21.03 4.24
H22 PG0 H . 3.59 21.24 4.90
H11 PG0 H . 4.14 21.21 2.11
H12 PG0 H . 2.66 21.22 2.68
HTT PG0 H . 3.31 23.27 2.37
#